data_8DQI
#
_entry.id   8DQI
#
_cell.length_a   110.795
_cell.length_b   110.795
_cell.length_c   113.774
_cell.angle_alpha   90.000
_cell.angle_beta   90.000
_cell.angle_gamma   90.000
#
_symmetry.space_group_name_H-M   'I 4'
#
loop_
_entity.id
_entity.type
_entity.pdbx_description
1 polymer 'AA_TRNA_LIGASE_II domain-containing protein'
2 non-polymer "ADENOSINE-5'-TRIPHOSPHATE"
3 non-polymer '(2~{S})-2-azanyl-3-(9-oxidanylidene-10~{H}-acridin-2-yl)propanoic acid'
4 non-polymer 'TETRAETHYLENE GLYCOL'
5 non-polymer 'MAGNESIUM ION'
6 non-polymer GLYCEROL
7 water water
#
_entity_poly.entity_id   1
_entity_poly.type   'polypeptide(L)'
_entity_poly.pdbx_seq_one_letter_code
;SGTVKYTDAQIQRLREYGNGTYEQKVFEDLASRDAAFSKEMSVASTDNEKKIKGMIANPSRHGLTQLMNDIADALVAEGF
IEVRTPIFISKDALARMTITEDKPLFKQVFWIDEKRALRPMLAPNLYSVMRDLRDHTDGPVKIFEMGSCFRKESHSGMHL
EEFTMLALGDMGPRGDATEVLKNYISVVMKAAGLPDYDLVQEESDVYKETIDVEINGQEVCSAAVGPHYLDAAHDVHEPC
SGAGFGLERLLTIREKYSTVKKGGASISYLNGAKIN
;
_entity_poly.pdbx_strand_id   D,A
#
loop_
_chem_comp.id
_chem_comp.type
_chem_comp.name
_chem_comp.formula
ATP non-polymer ADENOSINE-5'-TRIPHOSPHATE 'C10 H16 N5 O13 P3'
GOL non-polymer GLYCEROL 'C3 H8 O3'
MG non-polymer 'MAGNESIUM ION' 'Mg 2'
PG4 non-polymer 'TETRAETHYLENE GLYCOL' 'C8 H18 O5'
#
# COMPACT_ATOMS: atom_id res chain seq x y z
N GLY A 2 16.25 -41.19 15.45
CA GLY A 2 16.60 -41.70 14.09
C GLY A 2 17.06 -40.60 13.14
N THR A 3 17.15 -40.93 11.85
CA THR A 3 17.62 -39.99 10.83
C THR A 3 16.56 -39.64 9.81
N VAL A 4 15.38 -40.26 9.87
CA VAL A 4 14.31 -40.05 8.89
C VAL A 4 13.56 -38.76 9.21
N LYS A 5 13.41 -37.88 8.21
CA LYS A 5 12.68 -36.62 8.35
C LYS A 5 11.35 -36.69 7.61
N TYR A 6 10.46 -35.73 7.87
CA TYR A 6 9.32 -35.58 6.97
C TYR A 6 9.84 -35.34 5.56
N THR A 7 9.15 -35.89 4.56
CA THR A 7 9.54 -35.60 3.20
C THR A 7 9.32 -34.11 2.88
N ASP A 8 9.95 -33.65 1.80
CA ASP A 8 9.74 -32.27 1.37
C ASP A 8 8.25 -32.04 1.11
N ALA A 9 7.58 -32.99 0.46
CA ALA A 9 6.17 -32.83 0.17
C ALA A 9 5.35 -32.79 1.45
N GLN A 10 5.68 -33.66 2.42
CA GLN A 10 4.99 -33.64 3.71
C GLN A 10 5.18 -32.29 4.41
N ILE A 11 6.40 -31.72 4.34
CA ILE A 11 6.65 -30.44 4.98
C ILE A 11 5.78 -29.36 4.36
N GLN A 12 5.66 -29.38 3.03
CA GLN A 12 4.79 -28.42 2.33
C GLN A 12 3.34 -28.60 2.75
N ARG A 13 2.89 -29.85 2.86
CA ARG A 13 1.51 -30.12 3.25
C ARG A 13 1.23 -29.68 4.68
N LEU A 14 2.19 -29.88 5.59
CA LEU A 14 2.05 -29.49 6.98
C LEU A 14 2.00 -27.98 7.09
N ARG A 15 2.83 -27.30 6.34
CA ARG A 15 2.90 -25.85 6.41
C ARG A 15 1.71 -25.18 5.75
N GLU A 16 0.94 -25.89 4.91
CA GLU A 16 -0.17 -25.23 4.24
C GLU A 16 -1.16 -24.64 5.25
N TYR A 17 -1.51 -25.42 6.27
CA TYR A 17 -2.45 -24.99 7.32
C TYR A 17 -1.79 -24.81 8.68
N GLY A 18 -0.58 -25.34 8.87
CA GLY A 18 0.10 -25.33 10.14
C GLY A 18 1.25 -24.34 10.20
N ASN A 19 1.42 -23.78 11.40
CA ASN A 19 2.55 -22.89 11.66
C ASN A 19 3.53 -23.48 12.67
N GLY A 20 3.57 -24.80 12.82
CA GLY A 20 4.61 -25.42 13.61
C GLY A 20 5.94 -25.47 12.90
N THR A 21 6.91 -26.10 13.57
CA THR A 21 8.29 -26.22 13.11
C THR A 21 8.58 -27.68 12.72
N TYR A 22 8.10 -28.06 11.54
CA TYR A 22 8.06 -29.48 11.16
C TYR A 22 9.41 -30.01 10.69
N GLU A 23 10.29 -29.12 10.20
CA GLU A 23 11.57 -29.54 9.65
C GLU A 23 12.53 -30.05 10.69
N GLN A 24 12.23 -29.87 11.97
CA GLN A 24 13.11 -30.36 13.02
C GLN A 24 12.83 -31.80 13.42
N LYS A 25 11.69 -32.35 13.03
CA LYS A 25 11.32 -33.68 13.50
C LYS A 25 12.18 -34.78 12.85
N VAL A 26 12.56 -35.75 13.65
CA VAL A 26 13.30 -36.91 13.17
C VAL A 26 12.60 -38.15 13.67
N PHE A 27 12.65 -39.20 12.88
CA PHE A 27 11.97 -40.45 13.14
C PHE A 27 12.88 -41.64 12.90
N GLU A 28 12.50 -42.77 13.46
CA GLU A 28 13.28 -43.98 13.31
C GLU A 28 13.08 -44.65 11.96
N ASP A 29 11.90 -44.51 11.36
CA ASP A 29 11.58 -45.24 10.15
C ASP A 29 10.41 -44.56 9.45
N LEU A 30 10.08 -45.09 8.26
CA LEU A 30 9.05 -44.47 7.45
C LEU A 30 7.67 -44.61 8.10
N ALA A 31 7.38 -45.76 8.70
CA ALA A 31 6.09 -45.94 9.37
C ALA A 31 5.87 -44.88 10.43
N SER A 32 6.87 -44.65 11.27
CA SER A 32 6.70 -43.67 12.35
CA SER A 32 6.65 -43.68 12.35
C SER A 32 6.56 -42.25 11.81
N ARG A 33 7.39 -41.92 10.79
CA ARG A 33 7.26 -40.66 10.09
C ARG A 33 5.84 -40.46 9.58
N ASP A 34 5.29 -41.47 8.90
CA ASP A 34 3.98 -41.31 8.28
C ASP A 34 2.86 -41.21 9.32
N ALA A 35 2.97 -41.95 10.43
CA ALA A 35 1.97 -41.85 11.48
C ALA A 35 1.99 -40.47 12.12
N ALA A 36 3.20 -39.93 12.36
CA ALA A 36 3.30 -38.58 12.93
C ALA A 36 2.75 -37.54 11.98
N PHE A 37 3.04 -37.69 10.69
CA PHE A 37 2.52 -36.78 9.67
C PHE A 37 1.00 -36.73 9.74
N SER A 38 0.35 -37.90 9.75
CA SER A 38 -1.10 -37.95 9.82
C SER A 38 -1.62 -37.20 11.04
N LYS A 39 -0.99 -37.43 12.21
CA LYS A 39 -1.44 -36.80 13.45
C LYS A 39 -1.26 -35.28 13.37
N GLU A 40 -0.10 -34.83 12.90
N GLU A 40 -0.09 -34.83 12.87
CA GLU A 40 0.15 -33.40 12.91
CA GLU A 40 0.22 -33.40 12.86
C GLU A 40 -0.72 -32.70 11.88
C GLU A 40 -0.59 -32.65 11.80
N MET A 41 -1.02 -33.34 10.74
CA MET A 41 -1.90 -32.69 9.76
C MET A 41 -3.26 -32.39 10.40
N SER A 42 -3.81 -33.31 11.18
CA SER A 42 -5.09 -33.02 11.83
C SER A 42 -4.97 -31.89 12.84
N VAL A 43 -3.88 -31.85 13.61
CA VAL A 43 -3.68 -30.77 14.55
C VAL A 43 -3.63 -29.43 13.81
N ALA A 44 -2.84 -29.39 12.72
CA ALA A 44 -2.68 -28.14 11.97
C ALA A 44 -4.01 -27.61 11.48
N SER A 45 -4.85 -28.48 10.93
CA SER A 45 -6.15 -28.01 10.43
C SER A 45 -7.08 -27.58 11.56
N THR A 46 -7.06 -28.31 12.67
CA THR A 46 -7.84 -27.87 13.83
C THR A 46 -7.41 -26.49 14.31
N ASP A 47 -6.10 -26.29 14.47
CA ASP A 47 -5.62 -25.01 14.98
C ASP A 47 -5.98 -23.91 13.99
N ASN A 48 -5.92 -24.22 12.69
CA ASN A 48 -6.21 -23.22 11.67
C ASN A 48 -7.67 -22.79 11.74
N GLU A 49 -8.57 -23.75 11.88
CA GLU A 49 -9.99 -23.42 11.96
C GLU A 49 -10.30 -22.57 13.17
N LYS A 50 -9.65 -22.85 14.30
CA LYS A 50 -9.87 -22.03 15.51
C LYS A 50 -9.44 -20.58 15.29
N LYS A 51 -8.31 -20.36 14.61
CA LYS A 51 -7.86 -19.01 14.34
C LYS A 51 -8.86 -18.29 13.46
N ILE A 52 -9.37 -18.96 12.41
CA ILE A 52 -10.34 -18.28 11.55
C ILE A 52 -11.57 -17.91 12.35
N LYS A 53 -12.09 -18.84 13.14
CA LYS A 53 -13.30 -18.52 13.89
C LYS A 53 -13.07 -17.37 14.86
N GLY A 54 -11.86 -17.25 15.41
CA GLY A 54 -11.57 -16.12 16.29
C GLY A 54 -11.56 -14.80 15.55
N MET A 55 -11.04 -14.81 14.32
CA MET A 55 -11.02 -13.57 13.55
C MET A 55 -12.43 -13.13 13.18
N ILE A 56 -13.30 -14.10 12.86
CA ILE A 56 -14.67 -13.75 12.53
C ILE A 56 -15.40 -13.21 13.77
N ALA A 57 -15.14 -13.81 14.94
CA ALA A 57 -15.81 -13.35 16.15
C ALA A 57 -15.28 -12.02 16.67
N ASN A 58 -14.07 -11.62 16.29
CA ASN A 58 -13.42 -10.41 16.80
C ASN A 58 -12.77 -9.67 15.63
N PRO A 59 -13.58 -9.01 14.80
CA PRO A 59 -13.01 -8.30 13.63
C PRO A 59 -11.94 -7.31 14.04
N SER A 60 -10.88 -7.26 13.25
CA SER A 60 -9.73 -6.44 13.59
C SER A 60 -9.08 -5.87 12.34
N ARG A 61 -8.26 -4.84 12.54
CA ARG A 61 -7.35 -4.43 11.49
C ARG A 61 -6.44 -5.60 11.10
N HIS A 62 -5.96 -5.56 9.86
CA HIS A 62 -5.08 -6.58 9.34
C HIS A 62 -3.71 -6.54 10.02
N GLY A 63 -3.11 -7.71 10.20
CA GLY A 63 -1.81 -7.73 10.89
C GLY A 63 -0.74 -6.93 10.18
N LEU A 64 -0.74 -6.95 8.84
CA LEU A 64 0.29 -6.20 8.12
C LEU A 64 0.03 -4.70 8.26
N THR A 65 -1.23 -4.29 8.17
CA THR A 65 -1.59 -2.89 8.38
C THR A 65 -1.23 -2.41 9.79
N GLN A 66 -1.47 -3.26 10.80
CA GLN A 66 -1.11 -2.91 12.18
C GLN A 66 0.39 -2.75 12.32
N LEU A 67 1.19 -3.67 11.73
CA LEU A 67 2.64 -3.52 11.80
C LEU A 67 3.08 -2.23 11.15
N MET A 68 2.51 -1.91 9.98
CA MET A 68 2.82 -0.66 9.33
C MET A 68 2.51 0.51 10.20
N ASN A 69 1.35 0.52 10.85
CA ASN A 69 1.01 1.66 11.71
C ASN A 69 1.95 1.76 12.90
N ASP A 70 2.32 0.63 13.53
CA ASP A 70 3.19 0.65 14.69
C ASP A 70 4.54 1.27 14.34
N ILE A 71 5.13 0.86 13.20
CA ILE A 71 6.44 1.39 12.80
C ILE A 71 6.31 2.85 12.37
N ALA A 72 5.28 3.17 11.58
CA ALA A 72 5.11 4.53 11.09
C ALA A 72 4.97 5.51 12.23
N ASP A 73 4.20 5.16 13.25
CA ASP A 73 4.02 6.10 14.35
C ASP A 73 5.33 6.32 15.09
N ALA A 74 6.15 5.27 15.21
CA ALA A 74 7.44 5.43 15.85
C ALA A 74 8.34 6.35 15.04
N LEU A 75 8.31 6.23 13.71
CA LEU A 75 9.18 7.07 12.89
C LEU A 75 8.71 8.52 12.86
N VAL A 76 7.39 8.75 12.81
CA VAL A 76 6.90 10.14 12.88
C VAL A 76 7.28 10.77 14.21
N ALA A 77 7.27 9.98 15.30
CA ALA A 77 7.67 10.50 16.61
C ALA A 77 9.13 10.91 16.64
N GLU A 78 9.94 10.37 15.71
CA GLU A 78 11.35 10.71 15.58
C GLU A 78 11.60 11.83 14.58
N GLY A 79 10.54 12.39 13.98
CA GLY A 79 10.71 13.44 13.00
C GLY A 79 10.86 13.02 11.55
N PHE A 80 10.49 11.78 11.19
CA PHE A 80 10.44 11.37 9.80
C PHE A 80 9.11 11.77 9.16
N ILE A 81 9.18 12.28 7.94
CA ILE A 81 8.00 12.56 7.12
C ILE A 81 7.56 11.28 6.44
N GLU A 82 6.29 10.90 6.56
CA GLU A 82 5.75 9.79 5.77
C GLU A 82 5.39 10.28 4.36
N VAL A 83 5.94 9.64 3.33
CA VAL A 83 5.57 9.94 1.96
C VAL A 83 4.92 8.72 1.30
N ARG A 84 4.18 8.98 0.22
CA ARG A 84 3.61 7.95 -0.64
C ARG A 84 3.99 8.31 -2.06
N THR A 85 4.57 7.37 -2.77
CA THR A 85 5.04 7.62 -4.12
C THR A 85 4.44 6.60 -5.09
N PRO A 86 4.50 6.86 -6.39
CA PRO A 86 3.82 5.97 -7.34
C PRO A 86 4.49 4.60 -7.40
N ILE A 87 3.66 3.58 -7.67
CA ILE A 87 4.24 2.25 -7.93
C ILE A 87 4.97 2.21 -9.26
N PHE A 88 4.54 2.98 -10.25
CA PHE A 88 5.20 3.04 -11.55
C PHE A 88 6.46 3.90 -11.44
N ILE A 89 7.57 3.42 -12.01
CA ILE A 89 8.79 4.21 -12.15
C ILE A 89 9.33 4.02 -13.56
N SER A 90 10.24 4.91 -13.97
CA SER A 90 10.76 4.90 -15.32
C SER A 90 12.00 4.01 -15.48
N LYS A 91 12.23 3.59 -16.71
CA LYS A 91 13.46 2.87 -17.04
C LYS A 91 14.68 3.71 -16.68
N ASP A 92 14.59 5.02 -16.88
CA ASP A 92 15.71 5.90 -16.53
C ASP A 92 15.95 5.91 -15.04
N ALA A 93 14.88 5.89 -14.25
CA ALA A 93 15.04 5.89 -12.80
C ALA A 93 15.76 4.63 -12.37
N LEU A 94 15.41 3.50 -12.96
CA LEU A 94 16.13 2.27 -12.68
C LEU A 94 17.60 2.37 -13.06
N ALA A 95 17.89 2.98 -14.22
CA ALA A 95 19.28 3.11 -14.65
C ALA A 95 20.09 3.97 -13.68
N ARG A 96 19.47 5.00 -13.10
CA ARG A 96 20.17 5.87 -12.15
C ARG A 96 20.55 5.15 -10.88
N MET A 97 19.83 4.07 -10.54
CA MET A 97 20.25 3.16 -9.49
C MET A 97 21.27 2.15 -9.95
N THR A 98 21.76 2.26 -11.21
CA THR A 98 22.63 1.30 -11.89
C THR A 98 21.94 -0.05 -12.16
N ILE A 99 20.61 -0.10 -12.19
CA ILE A 99 19.90 -1.32 -12.58
C ILE A 99 19.68 -1.22 -14.09
N THR A 100 20.64 -1.73 -14.84
CA THR A 100 20.62 -1.69 -16.30
C THR A 100 20.58 -3.11 -16.85
N GLU A 101 20.50 -3.21 -18.18
CA GLU A 101 20.15 -4.47 -18.83
C GLU A 101 21.04 -5.63 -18.38
N ASP A 102 22.29 -5.36 -18.06
CA ASP A 102 23.23 -6.42 -17.72
C ASP A 102 23.07 -6.94 -16.29
N LYS A 103 22.44 -6.18 -15.40
CA LYS A 103 22.44 -6.52 -13.97
C LYS A 103 21.33 -7.51 -13.64
N PRO A 104 21.56 -8.39 -12.66
CA PRO A 104 20.56 -9.44 -12.40
C PRO A 104 19.22 -8.92 -11.91
N LEU A 105 19.21 -7.84 -11.11
CA LEU A 105 17.93 -7.31 -10.66
C LEU A 105 17.11 -6.81 -11.84
N PHE A 106 17.76 -6.32 -12.90
CA PHE A 106 17.01 -5.90 -14.07
C PHE A 106 16.14 -7.03 -14.60
N LYS A 107 16.66 -8.26 -14.57
CA LYS A 107 15.90 -9.41 -15.06
C LYS A 107 14.67 -9.68 -14.20
N GLN A 108 14.61 -9.14 -12.99
CA GLN A 108 13.49 -9.34 -12.08
C GLN A 108 12.38 -8.32 -12.23
N VAL A 109 12.55 -7.31 -13.09
CA VAL A 109 11.62 -6.19 -13.17
C VAL A 109 10.39 -6.55 -13.99
N PHE A 110 9.22 -6.19 -13.48
CA PHE A 110 7.96 -6.25 -14.24
C PHE A 110 7.80 -4.96 -15.04
N TRP A 111 7.84 -5.07 -16.37
CA TRP A 111 7.66 -3.91 -17.23
C TRP A 111 6.17 -3.71 -17.53
N ILE A 112 5.76 -2.44 -17.52
CA ILE A 112 4.41 -2.05 -17.90
C ILE A 112 4.33 -1.64 -19.37
N ASP A 113 5.35 -0.94 -19.86
CA ASP A 113 5.51 -0.63 -21.27
C ASP A 113 7.00 -0.47 -21.54
N GLU A 114 7.34 0.14 -22.69
CA GLU A 114 8.74 0.27 -23.05
C GLU A 114 9.52 1.12 -22.06
N LYS A 115 8.85 2.05 -21.37
CA LYS A 115 9.54 3.07 -20.59
C LYS A 115 9.21 3.03 -19.10
N ARG A 116 8.32 2.15 -18.67
CA ARG A 116 7.83 2.19 -17.30
C ARG A 116 7.76 0.78 -16.71
N ALA A 117 8.01 0.71 -15.43
CA ALA A 117 8.03 -0.57 -14.72
C ALA A 117 7.35 -0.46 -13.37
N LEU A 118 6.95 -1.62 -12.84
CA LEU A 118 6.61 -1.66 -11.43
C LEU A 118 7.88 -1.51 -10.59
N ARG A 119 7.83 -0.64 -9.59
CA ARG A 119 9.06 -0.45 -8.81
C ARG A 119 9.49 -1.75 -8.11
N PRO A 120 10.77 -2.12 -8.18
CA PRO A 120 11.27 -3.27 -7.42
C PRO A 120 11.81 -2.89 -6.06
N MET A 121 11.87 -1.59 -5.79
CA MET A 121 12.45 -0.98 -4.59
C MET A 121 11.88 0.43 -4.51
N LEU A 122 11.93 1.02 -3.31
CA LEU A 122 11.44 2.36 -3.07
C LEU A 122 12.49 3.45 -3.27
N ALA A 123 13.78 3.08 -3.31
CA ALA A 123 14.83 4.10 -3.35
C ALA A 123 14.73 5.07 -4.51
N PRO A 124 14.38 4.69 -5.74
CA PRO A 124 14.35 5.68 -6.82
C PRO A 124 13.44 6.84 -6.50
N ASN A 125 12.22 6.57 -6.03
CA ASN A 125 11.32 7.65 -5.72
C ASN A 125 11.75 8.40 -4.46
N LEU A 126 12.25 7.69 -3.45
CA LEU A 126 12.66 8.37 -2.22
C LEU A 126 13.86 9.28 -2.46
N TYR A 127 14.82 8.85 -3.28
CA TYR A 127 15.91 9.75 -3.62
C TYR A 127 15.38 11.05 -4.23
N SER A 128 14.42 10.93 -5.14
CA SER A 128 13.88 12.12 -5.79
C SER A 128 13.24 13.07 -4.77
N VAL A 129 12.39 12.51 -3.90
CA VAL A 129 11.66 13.33 -2.93
C VAL A 129 12.62 13.96 -1.91
N MET A 130 13.56 13.16 -1.40
CA MET A 130 14.58 13.68 -0.48
C MET A 130 15.33 14.85 -1.09
N ARG A 131 15.80 14.70 -2.33
CA ARG A 131 16.55 15.78 -2.96
C ARG A 131 15.71 17.04 -3.10
N ASP A 132 14.43 16.88 -3.42
CA ASP A 132 13.58 18.07 -3.54
C ASP A 132 13.32 18.71 -2.18
N LEU A 133 13.16 17.89 -1.14
CA LEU A 133 12.94 18.45 0.19
C LEU A 133 14.18 19.18 0.70
N ARG A 134 15.39 18.76 0.30
CA ARG A 134 16.61 19.52 0.63
C ARG A 134 16.56 20.96 0.15
N ASP A 135 15.80 21.23 -0.91
CA ASP A 135 15.68 22.61 -1.36
C ASP A 135 14.94 23.49 -0.36
N HIS A 136 14.25 22.90 0.62
CA HIS A 136 13.39 23.63 1.53
C HIS A 136 13.88 23.64 2.97
N THR A 137 15.06 23.09 3.25
CA THR A 137 15.59 23.11 4.61
C THR A 137 17.11 23.01 4.55
N ASP A 138 17.78 23.58 5.56
CA ASP A 138 19.20 23.37 5.77
C ASP A 138 19.51 22.19 6.69
N GLY A 139 18.50 21.59 7.30
CA GLY A 139 18.71 20.56 8.29
C GLY A 139 18.51 19.18 7.71
N PRO A 140 18.50 18.16 8.56
CA PRO A 140 18.35 16.79 8.05
C PRO A 140 17.03 16.63 7.30
N VAL A 141 17.06 15.80 6.26
CA VAL A 141 15.86 15.42 5.51
C VAL A 141 15.62 13.95 5.83
N LYS A 142 14.49 13.66 6.50
CA LYS A 142 14.20 12.32 7.00
C LYS A 142 12.82 11.95 6.50
N ILE A 143 12.75 10.91 5.64
CA ILE A 143 11.47 10.47 5.08
C ILE A 143 11.41 8.95 5.12
N PHE A 144 10.17 8.43 5.03
CA PHE A 144 9.98 6.99 4.86
C PHE A 144 8.73 6.74 4.06
N GLU A 145 8.67 5.56 3.46
CA GLU A 145 7.49 5.11 2.73
C GLU A 145 7.29 3.64 3.04
N MET A 146 6.03 3.23 3.14
CA MET A 146 5.68 1.81 3.16
CA MET A 146 5.64 1.82 3.19
C MET A 146 4.76 1.53 1.98
N GLY A 147 5.13 0.54 1.18
CA GLY A 147 4.28 0.21 0.04
C GLY A 147 4.80 -0.96 -0.75
N SER A 148 3.94 -1.43 -1.66
CA SER A 148 4.25 -2.62 -2.44
C SER A 148 5.36 -2.35 -3.44
N CYS A 149 6.25 -3.35 -3.56
CA CYS A 149 7.30 -3.46 -4.56
C CYS A 149 7.12 -4.81 -5.21
N PHE A 150 7.67 -4.96 -6.41
CA PHE A 150 7.41 -6.12 -7.25
C PHE A 150 8.70 -6.65 -7.84
N ARG A 151 8.92 -7.95 -7.73
CA ARG A 151 10.05 -8.64 -8.37
C ARG A 151 9.64 -10.03 -8.86
N LYS A 152 10.13 -10.42 -10.04
CA LYS A 152 9.99 -11.80 -10.48
C LYS A 152 10.94 -12.68 -9.67
N GLU A 153 10.42 -13.77 -9.08
CA GLU A 153 11.24 -14.54 -8.15
C GLU A 153 11.00 -16.04 -8.35
N SER A 154 11.96 -16.83 -7.87
CA SER A 154 11.88 -18.28 -8.00
C SER A 154 13.16 -18.98 -7.54
N SER A 156 12.07 -19.85 -3.75
CA SER A 156 10.82 -19.19 -3.38
C SER A 156 10.75 -18.88 -1.89
N GLY A 157 11.70 -19.43 -1.12
CA GLY A 157 11.74 -19.23 0.31
C GLY A 157 11.91 -17.77 0.73
N MET A 158 10.97 -17.27 1.52
CA MET A 158 10.96 -15.89 2.00
C MET A 158 10.90 -14.87 0.86
N HIS A 159 10.49 -15.30 -0.34
CA HIS A 159 10.31 -14.41 -1.47
C HIS A 159 8.86 -14.42 -1.96
N LEU A 160 8.31 -13.23 -2.11
CA LEU A 160 7.02 -12.92 -2.72
C LEU A 160 7.24 -12.13 -4.01
N GLU A 161 6.32 -12.27 -4.97
CA GLU A 161 6.40 -11.40 -6.15
C GLU A 161 6.00 -9.98 -5.83
N GLU A 162 4.99 -9.81 -5.00
CA GLU A 162 4.59 -8.52 -4.43
C GLU A 162 4.93 -8.55 -2.95
N PHE A 163 5.72 -7.60 -2.49
CA PHE A 163 6.01 -7.51 -1.07
C PHE A 163 5.93 -6.07 -0.63
N THR A 164 5.86 -5.86 0.68
CA THR A 164 5.71 -4.52 1.24
C THR A 164 7.06 -4.10 1.82
N MET A 165 7.67 -3.11 1.21
CA MET A 165 8.89 -2.54 1.75
CA MET A 165 8.89 -2.53 1.74
C MET A 165 8.56 -1.34 2.64
N LEU A 166 9.27 -1.24 3.75
CA LEU A 166 9.43 0.01 4.49
C LEU A 166 10.82 0.51 4.11
N ALA A 167 10.92 1.69 3.51
CA ALA A 167 12.23 2.27 3.24
C ALA A 167 12.29 3.64 3.89
N LEU A 168 13.45 3.92 4.46
CA LEU A 168 13.71 5.22 5.07
C LEU A 168 14.96 5.81 4.47
N GLY A 169 15.02 7.13 4.46
CA GLY A 169 16.18 7.85 4.01
C GLY A 169 16.46 8.99 4.96
N ASP A 170 17.73 9.29 5.24
CA ASP A 170 18.14 10.40 6.10
C ASP A 170 19.32 11.06 5.42
N MET A 171 19.11 12.28 4.95
CA MET A 171 20.07 13.04 4.17
C MET A 171 20.57 14.16 5.07
N GLY A 172 21.89 14.26 5.22
CA GLY A 172 22.46 15.30 6.02
C GLY A 172 22.16 15.11 7.49
N PRO A 173 22.37 13.90 8.02
CA PRO A 173 22.11 13.67 9.44
C PRO A 173 23.06 14.49 10.31
N ARG A 174 22.58 14.79 11.52
CA ARG A 174 23.45 15.38 12.55
C ARG A 174 24.17 14.23 13.23
N GLY A 175 25.49 14.17 13.07
CA GLY A 175 26.29 13.09 13.62
C GLY A 175 26.72 12.13 12.54
N ASP A 176 27.44 11.10 12.99
CA ASP A 176 28.02 10.12 12.08
C ASP A 176 26.91 9.34 11.37
N ALA A 177 27.01 9.25 10.03
CA ALA A 177 25.90 8.69 9.28
C ALA A 177 25.65 7.23 9.65
N THR A 178 26.71 6.48 9.94
CA THR A 178 26.53 5.06 10.27
C THR A 178 25.87 4.88 11.63
N GLU A 179 26.30 5.65 12.64
CA GLU A 179 25.67 5.59 13.96
C GLU A 179 24.20 5.97 13.89
N VAL A 180 23.87 7.03 13.12
CA VAL A 180 22.48 7.44 12.98
C VAL A 180 21.66 6.35 12.31
N LEU A 181 22.22 5.72 11.27
CA LEU A 181 21.52 4.64 10.59
C LEU A 181 21.24 3.49 11.56
N LYS A 182 22.22 3.12 12.36
CA LYS A 182 22.02 2.04 13.32
C LYS A 182 20.92 2.40 14.32
N ASN A 183 20.88 3.67 14.74
CA ASN A 183 19.85 4.05 15.69
C ASN A 183 18.46 3.99 15.08
N TYR A 184 18.29 4.43 13.81
CA TYR A 184 16.94 4.35 13.23
C TYR A 184 16.57 2.90 12.93
N ILE A 185 17.54 2.04 12.62
CA ILE A 185 17.21 0.61 12.54
C ILE A 185 16.67 0.09 13.87
N SER A 186 17.29 0.50 14.98
CA SER A 186 16.81 0.13 16.31
C SER A 186 15.38 0.60 16.55
N VAL A 187 15.07 1.83 16.16
CA VAL A 187 13.71 2.34 16.33
C VAL A 187 12.70 1.46 15.60
N VAL A 188 13.02 1.10 14.35
CA VAL A 188 12.11 0.28 13.56
C VAL A 188 11.94 -1.10 14.19
N MET A 189 13.06 -1.75 14.52
CA MET A 189 12.98 -3.13 15.03
C MET A 189 12.27 -3.21 16.38
N LYS A 190 12.54 -2.28 17.29
CA LYS A 190 11.80 -2.26 18.54
C LYS A 190 10.31 -2.01 18.29
N ALA A 191 9.98 -1.07 17.38
CA ALA A 191 8.58 -0.77 17.15
C ALA A 191 7.86 -1.93 16.50
N ALA A 192 8.59 -2.77 15.77
CA ALA A 192 8.04 -3.94 15.14
C ALA A 192 7.87 -5.10 16.11
N GLY A 193 8.37 -4.96 17.33
CA GLY A 193 8.32 -6.06 18.27
C GLY A 193 9.39 -7.11 18.07
N LEU A 194 10.53 -6.73 17.48
CA LEU A 194 11.66 -7.62 17.22
C LEU A 194 12.94 -6.95 17.69
N PRO A 195 13.11 -6.80 19.01
CA PRO A 195 14.29 -6.13 19.53
C PRO A 195 15.59 -6.93 19.44
N ASP A 196 15.54 -8.22 19.12
CA ASP A 196 16.73 -9.06 19.09
C ASP A 196 17.09 -9.36 17.64
N TYR A 197 18.23 -8.87 17.19
CA TYR A 197 18.64 -9.02 15.80
C TYR A 197 20.14 -8.78 15.72
N ASP A 198 20.72 -9.20 14.59
CA ASP A 198 22.14 -8.99 14.34
C ASP A 198 22.30 -8.06 13.15
N LEU A 199 23.36 -7.24 13.20
CA LEU A 199 23.76 -6.44 12.04
C LEU A 199 24.98 -7.10 11.39
N VAL A 200 24.91 -7.33 10.07
CA VAL A 200 25.92 -8.10 9.35
C VAL A 200 26.25 -7.40 8.03
N GLN A 201 27.54 -7.22 7.76
CA GLN A 201 27.99 -6.61 6.51
C GLN A 201 27.83 -7.59 5.35
N GLU A 202 27.19 -7.16 4.27
CA GLU A 202 26.93 -8.04 3.13
C GLU A 202 27.22 -7.34 1.81
N GLU A 203 27.57 -8.14 0.79
CA GLU A 203 27.89 -7.61 -0.53
C GLU A 203 26.62 -7.19 -1.26
N SER A 204 26.73 -6.16 -2.10
CA SER A 204 25.60 -5.67 -2.85
C SER A 204 26.05 -5.18 -4.23
N ASP A 205 25.29 -5.57 -5.27
CA ASP A 205 25.57 -5.09 -6.62
C ASP A 205 25.31 -3.58 -6.73
N VAL A 206 24.28 -3.09 -6.06
CA VAL A 206 23.90 -1.67 -6.15
C VAL A 206 24.70 -0.81 -5.18
N TYR A 207 24.81 -1.23 -3.91
CA TYR A 207 25.40 -0.41 -2.87
C TYR A 207 26.86 -0.77 -2.53
N LYS A 208 27.45 -1.75 -3.21
CA LYS A 208 28.81 -2.20 -2.93
C LYS A 208 28.82 -3.07 -1.68
N GLU A 209 28.45 -2.47 -0.54
CA GLU A 209 28.26 -3.22 0.70
C GLU A 209 27.07 -2.65 1.44
N THR A 210 26.28 -3.51 2.06
CA THR A 210 25.18 -3.09 2.90
C THR A 210 25.44 -3.55 4.33
N ILE A 211 24.75 -2.93 5.27
CA ILE A 211 24.57 -3.48 6.61
C ILE A 211 23.21 -4.14 6.60
N ASP A 212 23.17 -5.46 6.79
CA ASP A 212 21.90 -6.16 6.79
C ASP A 212 21.47 -6.45 8.21
N VAL A 213 20.16 -6.41 8.43
CA VAL A 213 19.57 -6.89 9.68
C VAL A 213 19.19 -8.35 9.48
N GLU A 214 19.70 -9.23 10.34
CA GLU A 214 19.44 -10.67 10.23
C GLU A 214 18.92 -11.17 11.57
N ILE A 215 17.89 -12.01 11.51
CA ILE A 215 17.39 -12.71 12.69
C ILE A 215 17.58 -14.19 12.43
N ASN A 216 18.42 -14.82 13.24
CA ASN A 216 18.75 -16.24 13.06
C ASN A 216 19.13 -16.52 11.62
N GLY A 217 19.95 -15.64 11.05
CA GLY A 217 20.48 -15.82 9.71
C GLY A 217 19.59 -15.32 8.59
N GLN A 218 18.35 -14.93 8.88
CA GLN A 218 17.40 -14.52 7.85
C GLN A 218 17.44 -12.99 7.70
N GLU A 219 17.73 -12.53 6.48
CA GLU A 219 17.75 -11.09 6.21
C GLU A 219 16.36 -10.53 6.26
N VAL A 220 16.19 -9.44 7.01
CA VAL A 220 14.95 -8.70 7.02
C VAL A 220 15.12 -7.25 6.58
N CYS A 221 16.34 -6.77 6.40
CA CYS A 221 16.58 -5.39 6.00
C CYS A 221 17.98 -5.31 5.38
N SER A 222 18.12 -4.47 4.37
CA SER A 222 19.41 -4.02 3.87
C SER A 222 19.49 -2.51 4.03
N ALA A 223 20.61 -2.03 4.54
CA ALA A 223 20.81 -0.59 4.75
C ALA A 223 22.18 -0.19 4.21
N ALA A 224 22.30 1.09 3.86
CA ALA A 224 23.60 1.55 3.35
C ALA A 224 23.76 3.04 3.54
N VAL A 225 25.02 3.45 3.75
CA VAL A 225 25.43 4.84 3.66
C VAL A 225 25.97 5.04 2.24
N GLY A 226 25.28 5.86 1.44
CA GLY A 226 25.67 6.03 0.05
C GLY A 226 25.45 4.76 -0.74
N PRO A 227 26.45 4.37 -1.57
CA PRO A 227 27.78 4.97 -1.73
C PRO A 227 27.77 6.29 -2.53
N HIS A 228 28.93 6.95 -2.58
CA HIS A 228 28.98 8.30 -3.13
C HIS A 228 28.49 8.35 -4.58
N TYR A 229 28.92 7.38 -5.41
CA TYR A 229 28.51 7.41 -6.82
C TYR A 229 26.98 7.33 -6.95
N LEU A 230 26.33 6.61 -6.05
CA LEU A 230 24.88 6.46 -6.10
C LEU A 230 24.19 7.73 -5.65
N ASP A 231 24.70 8.35 -4.57
CA ASP A 231 24.18 9.65 -4.16
C ASP A 231 24.36 10.68 -5.27
N ALA A 232 25.57 10.78 -5.84
CA ALA A 232 25.79 11.81 -6.85
C ALA A 232 24.94 11.58 -8.09
N ALA A 233 24.61 10.32 -8.40
CA ALA A 233 23.72 10.04 -9.51
C ALA A 233 22.35 10.62 -9.29
N HIS A 234 21.99 10.89 -8.03
CA HIS A 234 20.71 11.50 -7.71
C HIS A 234 20.85 12.93 -7.21
N ASP A 235 21.97 13.58 -7.53
CA ASP A 235 22.25 14.96 -7.18
C ASP A 235 22.30 15.18 -5.68
N VAL A 236 22.74 14.17 -4.93
CA VAL A 236 22.96 14.26 -3.49
C VAL A 236 24.46 14.38 -3.26
N HIS A 237 24.87 15.41 -2.53
CA HIS A 237 26.29 15.71 -2.35
C HIS A 237 26.59 15.99 -0.89
N GLU A 238 26.14 15.09 -0.03
CA GLU A 238 26.25 15.21 1.42
C GLU A 238 26.04 13.82 2.01
N PRO A 239 26.38 13.61 3.28
CA PRO A 239 26.17 12.29 3.89
C PRO A 239 24.70 11.90 3.83
N CYS A 240 24.47 10.66 3.45
CA CYS A 240 23.15 10.14 3.16
C CYS A 240 23.15 8.68 3.56
N SER A 241 22.02 8.22 4.06
CA SER A 241 21.86 6.80 4.30
C SER A 241 20.40 6.41 4.12
N GLY A 242 20.17 5.12 4.08
CA GLY A 242 18.82 4.63 3.93
C GLY A 242 18.81 3.16 4.26
N ALA A 243 17.59 2.64 4.38
CA ALA A 243 17.38 1.24 4.74
C ALA A 243 16.05 0.79 4.16
N GLY A 244 15.98 -0.49 3.81
CA GLY A 244 14.78 -1.08 3.28
C GLY A 244 14.47 -2.36 4.03
N PHE A 245 13.29 -2.44 4.64
CA PHE A 245 12.87 -3.56 5.47
C PHE A 245 11.76 -4.32 4.75
N GLY A 246 11.79 -5.65 4.81
CA GLY A 246 10.68 -6.43 4.28
C GLY A 246 9.63 -6.70 5.34
N LEU A 247 8.46 -6.03 5.25
CA LEU A 247 7.50 -6.11 6.33
C LEU A 247 6.86 -7.49 6.48
N GLU A 248 6.59 -8.20 5.37
CA GLU A 248 6.09 -9.57 5.52
C GLU A 248 7.11 -10.46 6.22
N ARG A 249 8.41 -10.28 5.91
CA ARG A 249 9.42 -11.10 6.57
C ARG A 249 9.44 -10.79 8.06
N LEU A 250 9.34 -9.51 8.44
CA LEU A 250 9.29 -9.18 9.86
C LEU A 250 8.09 -9.84 10.53
N LEU A 251 6.92 -9.72 9.91
CA LEU A 251 5.69 -10.25 10.51
C LEU A 251 5.75 -11.77 10.62
N THR A 252 6.27 -12.43 9.58
CA THR A 252 6.41 -13.87 9.56
C THR A 252 7.25 -14.35 10.73
N ILE A 253 8.37 -13.68 10.99
CA ILE A 253 9.26 -14.10 12.05
C ILE A 253 8.66 -13.81 13.42
N ARG A 254 8.06 -12.63 13.60
CA ARG A 254 7.49 -12.28 14.90
C ARG A 254 6.34 -13.21 15.28
N GLU A 255 5.47 -13.53 14.32
CA GLU A 255 4.27 -14.33 14.58
C GLU A 255 4.54 -15.83 14.44
N LYS A 256 5.76 -16.19 14.04
CA LYS A 256 6.19 -17.58 13.87
C LYS A 256 5.33 -18.33 12.84
N TYR A 257 4.97 -17.64 11.74
CA TYR A 257 4.33 -18.31 10.63
C TYR A 257 5.35 -19.16 9.88
N SER A 258 4.87 -20.29 9.33
CA SER A 258 5.79 -21.26 8.76
C SER A 258 6.20 -20.93 7.32
N THR A 259 5.51 -20.00 6.68
CA THR A 259 5.94 -19.47 5.39
C THR A 259 5.66 -17.98 5.36
N VAL A 260 6.27 -17.31 4.37
CA VAL A 260 6.15 -15.86 4.22
C VAL A 260 4.89 -15.43 3.50
N LYS A 261 4.09 -16.39 3.02
CA LYS A 261 2.88 -16.13 2.26
C LYS A 261 1.63 -15.90 3.13
N LYS A 262 1.74 -15.95 4.45
CA LYS A 262 0.55 -15.99 5.28
C LYS A 262 0.17 -14.68 5.93
N GLY A 263 1.10 -13.74 6.12
CA GLY A 263 0.78 -12.56 6.88
C GLY A 263 0.50 -11.30 6.08
N GLY A 264 0.75 -11.34 4.77
CA GLY A 264 0.55 -10.16 3.93
C GLY A 264 -0.69 -10.31 3.04
N ALA A 265 -0.62 -9.72 1.85
CA ALA A 265 -1.76 -9.74 0.95
C ALA A 265 -1.95 -11.12 0.36
N SER A 266 -3.21 -11.55 0.26
CA SER A 266 -3.46 -12.91 -0.16
C SER A 266 -4.96 -13.08 -0.38
N ILE A 267 -5.32 -14.00 -1.27
CA ILE A 267 -6.70 -14.48 -1.30
C ILE A 267 -6.82 -15.89 -0.73
N SER A 268 -5.74 -16.47 -0.20
CA SER A 268 -5.80 -17.75 0.49
CA SER A 268 -5.84 -17.74 0.49
C SER A 268 -5.56 -17.66 1.98
N TYR A 269 -4.74 -16.72 2.42
CA TYR A 269 -4.42 -16.54 3.83
C TYR A 269 -4.97 -15.23 4.36
N LEU A 270 -5.29 -15.24 5.66
CA LEU A 270 -5.70 -14.04 6.38
C LEU A 270 -5.05 -14.14 7.75
N ASN A 271 -4.07 -13.28 8.01
CA ASN A 271 -3.43 -13.19 9.32
C ASN A 271 -2.98 -14.56 9.83
N GLY A 272 -2.26 -15.28 8.96
CA GLY A 272 -1.64 -16.52 9.33
C GLY A 272 -2.46 -17.77 9.12
N ALA A 273 -3.75 -17.64 8.81
CA ALA A 273 -4.67 -18.76 8.68
C ALA A 273 -5.13 -18.89 7.23
N LYS A 274 -5.25 -20.12 6.76
CA LYS A 274 -5.70 -20.38 5.40
C LYS A 274 -7.22 -20.47 5.38
N ILE A 275 -7.86 -19.68 4.51
CA ILE A 275 -9.32 -19.61 4.53
C ILE A 275 -10.00 -20.54 3.54
N ASN A 276 -9.24 -21.19 2.66
CA ASN A 276 -9.78 -22.07 1.64
C ASN A 276 -9.06 -23.41 1.75
N VAL B 4 -13.83 40.05 -17.65
CA VAL B 4 -13.10 38.88 -18.10
C VAL B 4 -12.71 37.99 -16.92
N LYS B 5 -12.38 36.74 -17.22
CA LYS B 5 -11.92 35.77 -16.23
C LYS B 5 -10.44 35.48 -16.43
N TYR B 6 -9.87 34.76 -15.48
CA TYR B 6 -8.53 34.23 -15.70
C TYR B 6 -8.50 33.36 -16.94
N THR B 7 -7.40 33.45 -17.69
CA THR B 7 -7.30 32.65 -18.90
C THR B 7 -7.11 31.19 -18.53
N ASP B 8 -7.33 30.30 -19.50
CA ASP B 8 -7.10 28.88 -19.24
C ASP B 8 -5.67 28.63 -18.76
N ALA B 9 -4.71 29.29 -19.40
CA ALA B 9 -3.32 29.12 -18.99
C ALA B 9 -3.08 29.69 -17.60
N GLN B 10 -3.71 30.84 -17.29
CA GLN B 10 -3.53 31.39 -15.94
C GLN B 10 -4.11 30.45 -14.89
N ILE B 11 -5.25 29.82 -15.18
CA ILE B 11 -5.83 28.86 -14.23
C ILE B 11 -4.86 27.72 -13.96
N GLN B 12 -4.24 27.16 -15.01
CA GLN B 12 -3.30 26.07 -14.79
C GLN B 12 -2.09 26.54 -14.00
N ARG B 13 -1.60 27.74 -14.29
CA ARG B 13 -0.48 28.28 -13.54
C ARG B 13 -0.83 28.49 -12.08
N LEU B 14 -2.04 29.00 -11.78
CA LEU B 14 -2.45 29.21 -10.40
C LEU B 14 -2.62 27.89 -9.64
N ARG B 15 -3.13 26.87 -10.32
CA ARG B 15 -3.34 25.57 -9.67
C ARG B 15 -2.07 24.79 -9.45
N GLU B 16 -0.96 25.16 -10.10
CA GLU B 16 0.26 24.39 -9.94
C GLU B 16 0.72 24.39 -8.48
N TYR B 17 0.78 25.58 -7.85
CA TYR B 17 1.18 25.75 -6.46
C TYR B 17 0.02 26.13 -5.54
N GLY B 18 -1.10 26.56 -6.10
CA GLY B 18 -2.20 27.08 -5.32
C GLY B 18 -3.38 26.13 -5.26
N ASN B 19 -4.12 26.21 -4.15
CA ASN B 19 -5.32 25.42 -3.93
C ASN B 19 -6.54 26.31 -3.70
N GLY B 20 -6.50 27.54 -4.18
CA GLY B 20 -7.67 28.39 -4.15
C GLY B 20 -8.68 27.95 -5.19
N THR B 21 -9.76 28.72 -5.26
CA THR B 21 -10.82 28.54 -6.25
C THR B 21 -10.68 29.70 -7.23
N TYR B 22 -10.07 29.44 -8.37
CA TYR B 22 -9.71 30.54 -9.25
C TYR B 22 -10.69 30.74 -10.39
N GLU B 23 -11.42 29.69 -10.77
CA GLU B 23 -12.26 29.74 -11.95
C GLU B 23 -13.45 30.68 -11.81
N GLN B 24 -13.80 31.11 -10.60
CA GLN B 24 -14.96 31.97 -10.43
C GLN B 24 -14.62 33.44 -10.50
N LYS B 25 -13.36 33.83 -10.31
CA LYS B 25 -13.01 35.24 -10.30
C LYS B 25 -13.40 35.90 -11.62
N VAL B 26 -13.89 37.13 -11.51
CA VAL B 26 -14.29 37.94 -12.67
C VAL B 26 -13.69 39.33 -12.51
N PHE B 27 -13.29 39.92 -13.62
CA PHE B 27 -12.61 41.20 -13.63
C PHE B 27 -13.20 42.10 -14.70
N GLU B 28 -12.89 43.39 -14.59
CA GLU B 28 -13.44 44.41 -15.46
C GLU B 28 -12.61 44.64 -16.73
N ASP B 29 -11.33 44.30 -16.72
CA ASP B 29 -10.51 44.51 -17.90
C ASP B 29 -9.22 43.71 -17.76
N LEU B 30 -8.45 43.65 -18.85
CA LEU B 30 -7.25 42.82 -18.83
C LEU B 30 -6.28 43.29 -17.75
N ALA B 31 -6.20 44.59 -17.55
CA ALA B 31 -5.26 45.14 -16.59
C ALA B 31 -5.57 44.63 -15.19
N SER B 32 -6.85 44.65 -14.80
CA SER B 32 -7.20 44.18 -13.47
C SER B 32 -7.09 42.65 -13.34
N ARG B 33 -7.40 41.91 -14.41
CA ARG B 33 -7.12 40.47 -14.42
C ARG B 33 -5.65 40.21 -14.17
N ASP B 34 -4.78 40.92 -14.88
CA ASP B 34 -3.36 40.63 -14.81
C ASP B 34 -2.78 41.02 -13.45
N ALA B 35 -3.20 42.14 -12.89
CA ALA B 35 -2.80 42.50 -11.54
C ALA B 35 -3.25 41.46 -10.53
N ALA B 36 -4.50 40.99 -10.62
CA ALA B 36 -4.97 40.01 -9.66
C ALA B 36 -4.21 38.71 -9.80
N PHE B 37 -3.91 38.35 -11.04
CA PHE B 37 -3.18 37.11 -11.29
C PHE B 37 -1.81 37.16 -10.64
N SER B 38 -1.09 38.25 -10.84
CA SER B 38 0.25 38.38 -10.28
CA SER B 38 0.25 38.33 -10.29
C SER B 38 0.22 38.23 -8.76
N LYS B 39 -0.77 38.85 -8.13
CA LYS B 39 -0.90 38.76 -6.68
C LYS B 39 -1.24 37.33 -6.24
N GLU B 40 -2.22 36.68 -6.89
CA GLU B 40 -2.59 35.33 -6.46
C GLU B 40 -1.47 34.31 -6.72
N MET B 41 -0.70 34.50 -7.81
CA MET B 41 0.44 33.62 -8.03
C MET B 41 1.47 33.75 -6.92
N SER B 42 1.78 35.01 -6.51
CA SER B 42 2.75 35.23 -5.47
CA SER B 42 2.75 35.23 -5.47
C SER B 42 2.28 34.63 -4.15
N VAL B 43 1.01 34.85 -3.79
CA VAL B 43 0.47 34.30 -2.57
C VAL B 43 0.48 32.78 -2.59
N ALA B 44 0.06 32.18 -3.72
CA ALA B 44 0.07 30.71 -3.82
C ALA B 44 1.46 30.16 -3.59
N SER B 45 2.45 30.77 -4.23
CA SER B 45 3.80 30.22 -4.17
C SER B 45 4.38 30.35 -2.77
N THR B 46 4.22 31.51 -2.13
CA THR B 46 4.71 31.68 -0.76
C THR B 46 3.97 30.78 0.24
N ASP B 47 2.64 30.69 0.11
CA ASP B 47 1.88 29.79 0.97
CA ASP B 47 1.89 29.78 0.98
C ASP B 47 2.37 28.35 0.82
N ASN B 48 2.63 27.94 -0.42
CA ASN B 48 3.14 26.60 -0.69
C ASN B 48 4.47 26.36 0.02
N GLU B 49 5.40 27.30 -0.13
CA GLU B 49 6.70 27.18 0.51
C GLU B 49 6.57 27.04 2.01
N LYS B 50 5.76 27.91 2.64
CA LYS B 50 5.56 27.81 4.09
C LYS B 50 4.99 26.47 4.50
N LYS B 51 4.05 25.93 3.72
CA LYS B 51 3.47 24.64 4.07
CA LYS B 51 3.46 24.63 4.06
C LYS B 51 4.49 23.52 4.01
N ILE B 52 5.38 23.51 3.01
CA ILE B 52 6.40 22.47 2.99
C ILE B 52 7.33 22.62 4.18
N LYS B 53 7.73 23.85 4.47
CA LYS B 53 8.64 24.03 5.60
CA LYS B 53 8.64 24.07 5.60
C LYS B 53 7.98 23.58 6.90
N GLY B 54 6.67 23.72 7.01
CA GLY B 54 5.98 23.20 8.20
C GLY B 54 5.94 21.69 8.31
N MET B 55 5.78 20.97 7.19
CA MET B 55 5.80 19.51 7.24
C MET B 55 7.18 19.00 7.63
N ILE B 56 8.24 19.66 7.12
CA ILE B 56 9.56 19.23 7.49
C ILE B 56 9.79 19.47 8.96
N ALA B 57 9.30 20.61 9.46
CA ALA B 57 9.55 20.95 10.86
C ALA B 57 8.71 20.12 11.82
N ASN B 58 7.51 19.70 11.41
CA ASN B 58 6.59 18.96 12.27
C ASN B 58 5.91 17.87 11.43
N PRO B 59 6.67 16.81 11.15
CA PRO B 59 6.12 15.77 10.23
C PRO B 59 4.91 15.07 10.82
N SER B 60 4.06 14.57 9.92
CA SER B 60 2.85 13.89 10.28
C SER B 60 2.74 12.64 9.41
N ARG B 61 1.86 11.74 9.85
CA ARG B 61 1.40 10.72 8.94
C ARG B 61 0.89 11.36 7.66
N HIS B 62 1.06 10.65 6.55
CA HIS B 62 0.63 11.16 5.25
C HIS B 62 -0.87 11.34 5.25
N GLY B 63 -1.36 12.35 4.54
CA GLY B 63 -2.79 12.63 4.57
C GLY B 63 -3.64 11.48 4.08
N LEU B 64 -3.17 10.76 3.06
CA LEU B 64 -3.96 9.66 2.53
C LEU B 64 -3.94 8.49 3.50
N THR B 65 -2.79 8.25 4.12
CA THR B 65 -2.70 7.19 5.14
C THR B 65 -3.60 7.49 6.33
N GLN B 66 -3.64 8.76 6.75
CA GLN B 66 -4.49 9.16 7.85
C GLN B 66 -5.95 8.94 7.51
N LEU B 67 -6.35 9.30 6.29
CA LEU B 67 -7.74 9.11 5.88
C LEU B 67 -8.07 7.62 5.90
N MET B 68 -7.16 6.78 5.40
CA MET B 68 -7.38 5.33 5.44
C MET B 68 -7.53 4.84 6.88
N ASN B 69 -6.68 5.29 7.79
CA ASN B 69 -6.80 4.85 9.18
C ASN B 69 -8.10 5.32 9.82
N ASP B 70 -8.52 6.57 9.56
CA ASP B 70 -9.76 7.04 10.14
C ASP B 70 -10.95 6.18 9.69
N ILE B 71 -11.01 5.87 8.39
CA ILE B 71 -12.13 5.07 7.90
C ILE B 71 -12.05 3.66 8.44
N ALA B 72 -10.85 3.09 8.42
CA ALA B 72 -10.68 1.70 8.86
C ALA B 72 -11.06 1.51 10.31
N ASP B 73 -10.68 2.44 11.18
CA ASP B 73 -11.09 2.48 12.59
CA ASP B 73 -11.10 2.24 12.55
C ASP B 73 -12.61 2.36 12.71
N ALA B 74 -13.29 3.18 11.91
CA ALA B 74 -14.75 3.23 11.95
C ALA B 74 -15.36 1.92 11.49
N LEU B 75 -14.81 1.32 10.44
CA LEU B 75 -15.41 0.09 9.90
C LEU B 75 -15.15 -1.10 10.82
N VAL B 76 -13.96 -1.18 11.42
CA VAL B 76 -13.73 -2.25 12.39
C VAL B 76 -14.71 -2.13 13.57
N ALA B 77 -14.93 -0.91 14.06
CA ALA B 77 -15.92 -0.69 15.12
C ALA B 77 -17.32 -1.15 14.71
N GLU B 78 -17.64 -1.14 13.41
CA GLU B 78 -18.92 -1.62 12.90
C GLU B 78 -18.93 -3.11 12.64
N GLY B 79 -17.82 -3.81 12.90
CA GLY B 79 -17.76 -5.25 12.77
C GLY B 79 -17.15 -5.75 11.49
N PHE B 80 -16.47 -4.90 10.73
CA PHE B 80 -15.83 -5.30 9.48
C PHE B 80 -14.41 -5.80 9.75
N ILE B 81 -14.06 -6.90 9.08
CA ILE B 81 -12.70 -7.44 9.07
C ILE B 81 -11.90 -6.77 7.97
N GLU B 82 -10.71 -6.25 8.28
CA GLU B 82 -9.84 -5.73 7.25
C GLU B 82 -9.08 -6.86 6.56
N VAL B 83 -9.08 -6.84 5.23
CA VAL B 83 -8.28 -7.77 4.47
C VAL B 83 -7.35 -7.00 3.54
N ARG B 84 -6.34 -7.72 3.05
CA ARG B 84 -5.40 -7.21 2.05
C ARG B 84 -5.25 -8.26 0.99
N THR B 85 -5.45 -7.90 -0.28
CA THR B 85 -5.36 -8.89 -1.34
C THR B 85 -4.32 -8.46 -2.38
N PRO B 86 -3.92 -9.35 -3.29
CA PRO B 86 -2.83 -9.01 -4.22
C PRO B 86 -3.26 -7.96 -5.23
N ILE B 87 -2.28 -7.18 -5.69
CA ILE B 87 -2.53 -6.27 -6.80
C ILE B 87 -2.67 -7.02 -8.12
N PHE B 88 -1.95 -8.13 -8.30
CA PHE B 88 -2.12 -8.92 -9.51
C PHE B 88 -3.42 -9.70 -9.46
N ILE B 89 -4.14 -9.71 -10.58
CA ILE B 89 -5.29 -10.59 -10.73
C ILE B 89 -5.21 -11.30 -12.07
N SER B 90 -5.92 -12.41 -12.17
CA SER B 90 -5.90 -13.21 -13.37
C SER B 90 -6.88 -12.69 -14.43
N LYS B 91 -6.56 -13.00 -15.69
CA LYS B 91 -7.49 -12.75 -16.78
C LYS B 91 -8.82 -13.46 -16.55
N ASP B 92 -8.77 -14.71 -16.10
CA ASP B 92 -10.02 -15.41 -15.78
C ASP B 92 -10.83 -14.65 -14.74
N ALA B 93 -10.16 -14.08 -13.72
CA ALA B 93 -10.89 -13.36 -12.68
C ALA B 93 -11.60 -12.13 -13.23
N LEU B 94 -10.92 -11.39 -14.11
CA LEU B 94 -11.58 -10.25 -14.76
C LEU B 94 -12.77 -10.71 -15.58
N ALA B 95 -12.61 -11.79 -16.34
CA ALA B 95 -13.70 -12.29 -17.17
C ALA B 95 -14.91 -12.68 -16.34
N ARG B 96 -14.71 -13.15 -15.11
CA ARG B 96 -15.85 -13.47 -14.26
C ARG B 96 -16.53 -12.23 -13.72
N MET B 97 -15.83 -11.10 -13.67
CA MET B 97 -16.46 -9.81 -13.43
C MET B 97 -17.18 -9.29 -14.67
N THR B 98 -17.33 -10.10 -15.71
CA THR B 98 -17.82 -9.68 -17.01
C THR B 98 -16.89 -8.70 -17.70
N ILE B 99 -15.68 -8.50 -17.18
CA ILE B 99 -14.69 -7.62 -17.81
C ILE B 99 -13.99 -8.39 -18.92
N THR B 100 -14.62 -8.43 -20.10
CA THR B 100 -14.14 -9.22 -21.23
C THR B 100 -13.71 -8.30 -22.36
N GLU B 101 -13.12 -8.90 -23.41
CA GLU B 101 -12.48 -8.09 -24.45
C GLU B 101 -13.38 -6.97 -24.94
N ASP B 102 -14.69 -7.17 -24.90
CA ASP B 102 -15.64 -6.19 -25.45
C ASP B 102 -16.01 -5.09 -24.48
N LYS B 103 -15.66 -5.22 -23.20
CA LYS B 103 -16.10 -4.23 -22.21
C LYS B 103 -15.15 -3.03 -22.22
N PRO B 104 -15.67 -1.81 -22.20
CA PRO B 104 -14.77 -0.63 -22.19
C PRO B 104 -13.70 -0.69 -21.11
N LEU B 105 -14.03 -1.21 -19.92
CA LEU B 105 -13.03 -1.30 -18.85
C LEU B 105 -11.85 -2.18 -19.26
N PHE B 106 -12.11 -3.21 -20.06
CA PHE B 106 -11.06 -4.14 -20.48
C PHE B 106 -9.92 -3.40 -21.19
N LYS B 107 -10.24 -2.48 -22.08
CA LYS B 107 -9.21 -1.70 -22.76
C LYS B 107 -8.37 -0.89 -21.77
N GLN B 108 -8.85 -0.67 -20.55
CA GLN B 108 -8.14 0.14 -19.56
C GLN B 108 -7.19 -0.67 -18.70
N VAL B 109 -7.12 -1.98 -18.89
CA VAL B 109 -6.35 -2.85 -17.99
C VAL B 109 -4.86 -2.82 -18.35
N PHE B 110 -4.03 -2.76 -17.31
CA PHE B 110 -2.58 -2.89 -17.47
C PHE B 110 -2.21 -4.36 -17.37
N TRP B 111 -1.81 -4.97 -18.47
CA TRP B 111 -1.41 -6.36 -18.42
C TRP B 111 0.04 -6.50 -17.98
N ILE B 112 0.29 -7.56 -17.22
CA ILE B 112 1.63 -7.91 -16.76
C ILE B 112 2.25 -9.01 -17.60
N ASP B 113 1.41 -9.95 -18.05
CA ASP B 113 1.76 -11.01 -18.99
C ASP B 113 0.46 -11.50 -19.63
N GLU B 114 0.53 -12.65 -20.31
CA GLU B 114 -0.63 -13.11 -21.07
C GLU B 114 -1.81 -13.45 -20.17
N LYS B 115 -1.58 -13.73 -18.89
CA LYS B 115 -2.63 -14.25 -18.03
C LYS B 115 -2.92 -13.37 -16.81
N ARG B 116 -2.16 -12.31 -16.58
CA ARG B 116 -2.33 -11.55 -15.34
C ARG B 116 -2.26 -10.06 -15.60
N ALA B 117 -2.94 -9.32 -14.72
CA ALA B 117 -3.08 -7.89 -14.87
C ALA B 117 -3.01 -7.21 -13.51
N LEU B 118 -2.73 -5.91 -13.54
CA LEU B 118 -2.95 -5.08 -12.36
C LEU B 118 -4.44 -4.93 -12.14
N ARG B 119 -4.90 -5.10 -10.90
CA ARG B 119 -6.33 -5.02 -10.65
C ARG B 119 -6.87 -3.62 -10.96
N PRO B 120 -7.97 -3.50 -11.69
CA PRO B 120 -8.61 -2.18 -11.87
C PRO B 120 -9.66 -1.88 -10.81
N MET B 121 -9.96 -2.86 -9.95
CA MET B 121 -10.91 -2.69 -8.87
CA MET B 121 -10.91 -2.69 -8.87
C MET B 121 -10.62 -3.77 -7.83
N LEU B 122 -11.18 -3.60 -6.64
CA LEU B 122 -10.99 -4.57 -5.58
C LEU B 122 -12.02 -5.68 -5.54
N ALA B 123 -13.18 -5.48 -6.16
CA ALA B 123 -14.29 -6.42 -6.01
C ALA B 123 -13.95 -7.88 -6.26
N PRO B 124 -13.22 -8.25 -7.32
CA PRO B 124 -13.02 -9.69 -7.58
C PRO B 124 -12.37 -10.40 -6.41
N ASN B 125 -11.30 -9.80 -5.87
CA ASN B 125 -10.59 -10.40 -4.75
C ASN B 125 -11.45 -10.40 -3.50
N LEU B 126 -12.15 -9.28 -3.24
CA LEU B 126 -12.97 -9.19 -2.02
C LEU B 126 -14.10 -10.20 -2.03
N TYR B 127 -14.77 -10.37 -3.17
CA TYR B 127 -15.85 -11.34 -3.21
C TYR B 127 -15.33 -12.75 -2.94
N SER B 128 -14.14 -13.07 -3.47
CA SER B 128 -13.54 -14.37 -3.25
C SER B 128 -13.30 -14.62 -1.77
N VAL B 129 -12.65 -13.66 -1.12
CA VAL B 129 -12.37 -13.77 0.31
C VAL B 129 -13.65 -13.85 1.13
N MET B 130 -14.66 -13.04 0.79
CA MET B 130 -15.93 -13.10 1.53
C MET B 130 -16.57 -14.48 1.43
N ARG B 131 -16.62 -15.03 0.23
CA ARG B 131 -17.23 -16.34 0.04
C ARG B 131 -16.46 -17.39 0.84
N ASP B 132 -15.13 -17.32 0.82
CA ASP B 132 -14.36 -18.31 1.57
C ASP B 132 -14.58 -18.15 3.07
N LEU B 133 -14.69 -16.92 3.57
CA LEU B 133 -14.92 -16.74 5.01
C LEU B 133 -16.30 -17.25 5.41
N ARG B 134 -17.30 -17.07 4.54
CA ARG B 134 -18.63 -17.59 4.81
C ARG B 134 -18.66 -19.11 4.95
N ASP B 135 -17.70 -19.83 4.36
CA ASP B 135 -17.60 -21.26 4.56
C ASP B 135 -17.29 -21.62 6.01
N HIS B 136 -16.84 -20.64 6.80
CA HIS B 136 -16.40 -20.92 8.16
C HIS B 136 -17.35 -20.40 9.24
N THR B 137 -18.51 -19.86 8.85
CA THR B 137 -19.42 -19.33 9.86
C THR B 137 -20.87 -19.39 9.41
N ASP B 138 -21.77 -19.45 10.40
CA ASP B 138 -23.20 -19.39 10.14
C ASP B 138 -23.70 -17.97 9.93
N GLY B 139 -22.93 -16.96 10.34
CA GLY B 139 -23.39 -15.60 10.35
C GLY B 139 -22.91 -14.80 9.16
N PRO B 140 -23.30 -13.53 9.09
CA PRO B 140 -22.86 -12.68 7.98
C PRO B 140 -21.37 -12.37 8.10
N VAL B 141 -20.76 -12.04 6.96
CA VAL B 141 -19.35 -11.70 6.90
C VAL B 141 -19.24 -10.32 6.27
N LYS B 142 -18.56 -9.41 6.96
CA LYS B 142 -18.42 -8.03 6.54
C LYS B 142 -16.92 -7.76 6.50
N ILE B 143 -16.39 -7.40 5.32
CA ILE B 143 -14.97 -7.13 5.15
C ILE B 143 -14.73 -5.85 4.34
N PHE B 144 -13.50 -5.34 4.43
CA PHE B 144 -13.12 -4.21 3.62
C PHE B 144 -11.64 -4.31 3.29
N GLU B 145 -11.25 -3.66 2.20
CA GLU B 145 -9.86 -3.49 1.82
C GLU B 145 -9.63 -2.07 1.33
N MET B 146 -8.43 -1.55 1.60
CA MET B 146 -7.98 -0.31 0.97
C MET B 146 -6.65 -0.54 0.28
N GLY B 147 -6.58 -0.16 -1.00
CA GLY B 147 -5.34 -0.38 -1.72
C GLY B 147 -5.39 0.18 -3.13
N SER B 148 -4.22 0.17 -3.75
CA SER B 148 -4.08 0.71 -5.11
C SER B 148 -4.74 -0.15 -6.16
N CYS B 149 -5.39 0.51 -7.10
CA CYS B 149 -5.96 -0.05 -8.32
C CYS B 149 -5.43 0.75 -9.49
N PHE B 150 -5.49 0.16 -10.68
CA PHE B 150 -4.82 0.77 -11.83
C PHE B 150 -5.69 0.73 -13.08
N ARG B 151 -5.75 1.86 -13.78
CA ARG B 151 -6.48 1.95 -15.05
C ARG B 151 -5.80 2.91 -16.02
N LYS B 152 -5.75 2.53 -17.30
CA LYS B 152 -5.23 3.46 -18.31
C LYS B 152 -6.19 4.63 -18.48
N GLU B 153 -5.66 5.85 -18.46
CA GLU B 153 -6.50 7.04 -18.48
C GLU B 153 -5.91 8.13 -19.39
N MET B 158 -10.86 14.13 -12.82
CA MET B 158 -10.49 13.55 -11.53
C MET B 158 -10.03 12.09 -11.68
N HIS B 159 -9.14 11.86 -12.65
CA HIS B 159 -8.65 10.52 -12.97
C HIS B 159 -7.15 10.42 -12.75
N LEU B 160 -6.74 9.36 -12.08
CA LEU B 160 -5.37 8.96 -11.87
C LEU B 160 -5.20 7.58 -12.47
N GLU B 161 -3.99 7.25 -12.95
CA GLU B 161 -3.76 5.89 -13.43
CA GLU B 161 -3.77 5.89 -13.44
C GLU B 161 -3.58 4.91 -12.28
N GLU B 162 -3.01 5.37 -11.17
CA GLU B 162 -2.98 4.63 -9.91
C GLU B 162 -3.85 5.39 -8.92
N PHE B 163 -4.86 4.73 -8.35
CA PHE B 163 -5.72 5.36 -7.36
C PHE B 163 -5.98 4.37 -6.23
N THR B 164 -6.42 4.89 -5.10
CA THR B 164 -6.61 4.07 -3.91
C THR B 164 -8.10 3.89 -3.69
N MET B 165 -8.54 2.65 -3.79
CA MET B 165 -9.94 2.32 -3.58
CA MET B 165 -9.93 2.29 -3.57
C MET B 165 -10.13 1.80 -2.15
N LEU B 166 -11.24 2.21 -1.56
CA LEU B 166 -11.83 1.52 -0.41
C LEU B 166 -12.99 0.70 -0.97
N ALA B 167 -12.97 -0.61 -0.75
CA ALA B 167 -14.08 -1.47 -1.12
C ALA B 167 -14.56 -2.17 0.15
N LEU B 168 -15.87 -2.16 0.39
CA LEU B 168 -16.42 -2.91 1.51
C LEU B 168 -17.49 -3.85 0.98
N GLY B 169 -17.67 -4.96 1.67
CA GLY B 169 -18.71 -5.90 1.29
C GLY B 169 -19.35 -6.55 2.50
N ASP B 170 -20.60 -6.99 2.31
CA ASP B 170 -21.37 -7.67 3.35
C ASP B 170 -22.05 -8.84 2.66
N MET B 171 -21.81 -10.06 3.14
CA MET B 171 -22.39 -11.25 2.53
C MET B 171 -23.13 -12.07 3.56
N GLY B 172 -24.30 -12.58 3.17
CA GLY B 172 -25.08 -13.45 4.01
C GLY B 172 -26.37 -12.83 4.47
N PRO B 173 -27.03 -13.51 5.41
CA PRO B 173 -28.37 -13.09 5.83
C PRO B 173 -28.38 -11.65 6.36
N ARG B 174 -29.25 -10.83 5.78
CA ARG B 174 -29.35 -9.42 6.15
C ARG B 174 -30.75 -8.95 5.81
N GLY B 175 -31.33 -8.15 6.70
CA GLY B 175 -32.66 -7.61 6.50
C GLY B 175 -32.58 -6.15 6.07
N ASP B 176 -33.43 -5.78 5.11
CA ASP B 176 -33.40 -4.48 4.46
C ASP B 176 -31.97 -4.13 4.02
N ALA B 177 -31.49 -4.92 3.05
CA ALA B 177 -30.15 -4.73 2.53
C ALA B 177 -29.88 -3.29 2.14
N THR B 178 -30.82 -2.65 1.41
CA THR B 178 -30.54 -1.31 0.91
C THR B 178 -30.30 -0.32 2.05
N GLU B 179 -31.10 -0.40 3.12
CA GLU B 179 -30.89 0.49 4.25
C GLU B 179 -29.56 0.20 4.93
N VAL B 180 -29.21 -1.08 5.06
CA VAL B 180 -27.93 -1.45 5.67
C VAL B 180 -26.78 -0.88 4.85
N LEU B 181 -26.87 -0.98 3.52
CA LEU B 181 -25.81 -0.44 2.67
C LEU B 181 -25.70 1.07 2.80
N LYS B 182 -26.84 1.76 2.85
CA LYS B 182 -26.83 3.21 3.03
C LYS B 182 -26.20 3.58 4.37
N ASN B 183 -26.39 2.76 5.40
CA ASN B 183 -25.75 3.05 6.68
C ASN B 183 -24.25 2.86 6.59
N TYR B 184 -23.77 1.81 5.92
CA TYR B 184 -22.32 1.66 5.76
C TYR B 184 -21.75 2.87 5.04
N ILE B 185 -22.47 3.37 4.05
CA ILE B 185 -21.98 4.55 3.34
C ILE B 185 -21.89 5.72 4.30
N SER B 186 -22.91 5.87 5.14
CA SER B 186 -22.89 6.93 6.15
C SER B 186 -21.67 6.81 7.05
N VAL B 187 -21.40 5.60 7.53
CA VAL B 187 -20.26 5.38 8.43
C VAL B 187 -18.97 5.84 7.76
N VAL B 188 -18.79 5.48 6.49
CA VAL B 188 -17.56 5.83 5.79
C VAL B 188 -17.48 7.34 5.59
N MET B 189 -18.54 7.94 5.02
CA MET B 189 -18.49 9.36 4.68
C MET B 189 -18.30 10.20 5.93
N LYS B 190 -18.99 9.85 7.01
CA LYS B 190 -18.79 10.56 8.28
C LYS B 190 -17.36 10.37 8.80
N ALA B 191 -16.82 9.15 8.72
CA ALA B 191 -15.48 8.93 9.24
C ALA B 191 -14.44 9.66 8.41
N ALA B 192 -14.75 9.91 7.13
CA ALA B 192 -13.85 10.64 6.25
C ALA B 192 -13.93 12.15 6.41
N GLY B 193 -14.84 12.66 7.24
CA GLY B 193 -15.05 14.10 7.34
C GLY B 193 -15.88 14.73 6.23
N LEU B 194 -16.71 13.95 5.54
CA LEU B 194 -17.57 14.44 4.46
C LEU B 194 -19.02 14.02 4.72
N PRO B 195 -19.63 14.58 5.76
CA PRO B 195 -20.99 14.14 6.14
C PRO B 195 -22.10 14.57 5.16
N ASP B 196 -21.86 15.53 4.28
CA ASP B 196 -22.90 16.05 3.39
C ASP B 196 -22.67 15.53 1.98
N TYR B 197 -23.65 14.79 1.45
CA TYR B 197 -23.49 14.16 0.14
C TYR B 197 -24.87 13.79 -0.36
N ASP B 198 -24.94 13.48 -1.66
CA ASP B 198 -26.18 13.08 -2.32
C ASP B 198 -26.05 11.62 -2.77
N LEU B 199 -27.16 10.88 -2.70
CA LEU B 199 -27.23 9.53 -3.24
C LEU B 199 -28.03 9.56 -4.54
N VAL B 200 -27.51 8.88 -5.57
CA VAL B 200 -28.03 8.95 -6.93
C VAL B 200 -28.09 7.53 -7.51
N GLN B 201 -29.00 7.31 -8.45
CA GLN B 201 -29.08 6.01 -9.11
C GLN B 201 -28.52 6.08 -10.53
N THR B 210 -28.43 -0.23 -7.68
CA THR B 210 -27.18 0.54 -7.75
C THR B 210 -27.37 1.95 -7.19
N ILE B 211 -26.37 2.41 -6.43
CA ILE B 211 -26.41 3.68 -5.73
C ILE B 211 -25.07 4.38 -5.95
N ASP B 212 -25.12 5.66 -6.32
CA ASP B 212 -23.90 6.45 -6.43
C ASP B 212 -23.90 7.57 -5.39
N VAL B 213 -22.73 7.85 -4.84
CA VAL B 213 -22.54 8.94 -3.89
C VAL B 213 -21.89 10.08 -4.65
N GLU B 214 -22.50 11.26 -4.59
CA GLU B 214 -21.95 12.44 -5.22
C GLU B 214 -21.84 13.58 -4.21
N ILE B 215 -20.81 14.40 -4.41
CA ILE B 215 -20.67 15.68 -3.73
C ILE B 215 -20.60 16.74 -4.81
N ASN B 216 -21.57 17.63 -4.84
CA ASN B 216 -21.60 18.71 -5.82
C ASN B 216 -21.42 18.15 -7.23
N GLY B 217 -22.11 17.04 -7.52
CA GLY B 217 -22.08 16.42 -8.83
C GLY B 217 -20.92 15.51 -9.11
N GLN B 218 -19.90 15.47 -8.25
CA GLN B 218 -18.72 14.63 -8.43
C GLN B 218 -18.94 13.28 -7.74
N GLU B 219 -18.99 12.21 -8.54
CA GLU B 219 -19.09 10.86 -7.99
C GLU B 219 -17.87 10.50 -7.17
N VAL B 220 -18.08 9.95 -5.97
CA VAL B 220 -16.99 9.51 -5.11
C VAL B 220 -17.17 8.05 -4.69
N CYS B 221 -18.32 7.46 -4.98
CA CYS B 221 -18.58 6.08 -4.60
C CYS B 221 -19.65 5.48 -5.51
N SER B 222 -19.48 4.19 -5.81
CA SER B 222 -20.52 3.41 -6.45
C SER B 222 -20.78 2.19 -5.58
N ALA B 223 -22.06 1.90 -5.32
CA ALA B 223 -22.46 0.80 -4.44
C ALA B 223 -23.63 0.04 -5.05
N ALA B 224 -23.74 -1.23 -4.68
CA ALA B 224 -24.80 -2.05 -5.26
C ALA B 224 -25.19 -3.15 -4.29
N VAL B 225 -26.46 -3.56 -4.40
CA VAL B 225 -27.00 -4.71 -3.69
C VAL B 225 -27.12 -5.85 -4.68
N GLY B 226 -26.69 -7.04 -4.27
CA GLY B 226 -26.92 -8.25 -5.03
C GLY B 226 -26.21 -8.30 -6.36
N PRO B 227 -24.88 -8.07 -6.37
CA PRO B 227 -24.11 -8.23 -7.63
C PRO B 227 -23.79 -9.70 -7.93
N HIS B 228 -24.83 -10.50 -8.15
CA HIS B 228 -24.60 -11.94 -8.35
C HIS B 228 -23.85 -12.26 -9.68
N TYR B 229 -23.36 -11.24 -10.39
CA TYR B 229 -22.52 -11.44 -11.57
C TYR B 229 -21.31 -12.30 -11.24
N ALA B 233 -20.70 -18.31 -11.58
CA ALA B 233 -19.98 -19.54 -11.27
C ALA B 233 -20.83 -20.51 -10.46
N HIS B 234 -21.60 -19.98 -9.50
CA HIS B 234 -22.48 -20.77 -8.66
C HIS B 234 -23.93 -20.58 -9.08
N ASP B 235 -24.73 -21.65 -9.02
CA ASP B 235 -26.15 -21.54 -9.34
C ASP B 235 -26.89 -20.72 -8.28
N VAL B 236 -26.60 -20.97 -7.00
CA VAL B 236 -27.29 -20.37 -5.88
C VAL B 236 -26.32 -19.45 -5.16
N HIS B 237 -26.75 -18.21 -4.91
CA HIS B 237 -25.90 -17.15 -4.40
C HIS B 237 -26.25 -16.79 -2.96
N GLU B 238 -25.25 -16.29 -2.22
CA GLU B 238 -25.53 -15.62 -0.96
C GLU B 238 -25.97 -14.18 -1.22
N PRO B 239 -26.89 -13.64 -0.41
CA PRO B 239 -27.13 -12.19 -0.47
C PRO B 239 -25.82 -11.45 -0.25
N CYS B 240 -25.61 -10.35 -0.98
CA CYS B 240 -24.36 -9.61 -0.89
CA CYS B 240 -24.39 -9.59 -0.82
C CYS B 240 -24.59 -8.17 -1.32
N SER B 241 -23.85 -7.26 -0.72
CA SER B 241 -23.84 -5.88 -1.14
C SER B 241 -22.43 -5.35 -0.94
N GLY B 242 -22.14 -4.25 -1.62
CA GLY B 242 -20.81 -3.69 -1.49
C GLY B 242 -20.79 -2.27 -1.99
N ALA B 243 -19.65 -1.62 -1.76
CA ALA B 243 -19.48 -0.21 -2.08
C ALA B 243 -18.00 0.04 -2.33
N GLY B 244 -17.70 0.88 -3.32
CA GLY B 244 -16.35 1.26 -3.64
C GLY B 244 -16.19 2.77 -3.67
N PHE B 245 -15.19 3.26 -2.94
CA PHE B 245 -14.93 4.67 -2.79
C PHE B 245 -13.55 5.01 -3.36
N GLY B 246 -13.47 6.14 -4.08
CA GLY B 246 -12.16 6.65 -4.47
C GLY B 246 -11.57 7.56 -3.41
N LEU B 247 -10.50 7.12 -2.73
CA LEU B 247 -10.04 7.85 -1.57
C LEU B 247 -9.31 9.14 -1.91
N GLU B 248 -8.57 9.20 -3.03
CA GLU B 248 -7.96 10.47 -3.41
C GLU B 248 -9.03 11.50 -3.72
N ARG B 249 -10.14 11.07 -4.34
CA ARG B 249 -11.22 12.01 -4.60
C ARG B 249 -11.79 12.54 -3.30
N LEU B 250 -12.02 11.67 -2.32
CA LEU B 250 -12.56 12.15 -1.06
C LEU B 250 -11.60 13.14 -0.41
N LEU B 251 -10.31 12.83 -0.41
CA LEU B 251 -9.32 13.69 0.24
C LEU B 251 -9.23 15.02 -0.49
N THR B 252 -9.26 14.99 -1.83
CA THR B 252 -9.20 16.20 -2.64
C THR B 252 -10.37 17.13 -2.33
N ILE B 253 -11.57 16.56 -2.26
CA ILE B 253 -12.76 17.36 -1.95
C ILE B 253 -12.68 17.93 -0.54
N ARG B 254 -12.32 17.09 0.44
CA ARG B 254 -12.31 17.55 1.83
C ARG B 254 -11.29 18.67 2.04
N GLU B 255 -10.08 18.51 1.51
CA GLU B 255 -8.99 19.46 1.72
C GLU B 255 -9.05 20.64 0.76
N LYS B 256 -9.95 20.58 -0.22
CA LYS B 256 -10.13 21.64 -1.20
C LYS B 256 -8.87 21.83 -2.05
N TYR B 257 -8.26 20.73 -2.45
CA TYR B 257 -7.12 20.78 -3.37
C TYR B 257 -7.62 21.04 -4.78
N SER B 258 -6.86 21.83 -5.55
CA SER B 258 -7.37 22.32 -6.83
C SER B 258 -7.25 21.29 -7.94
N THR B 259 -6.49 20.22 -7.73
CA THR B 259 -6.48 19.07 -8.61
C THR B 259 -6.42 17.80 -7.78
N VAL B 260 -6.74 16.67 -8.43
CA VAL B 260 -6.74 15.38 -7.75
C VAL B 260 -5.35 14.77 -7.61
N LYS B 261 -4.32 15.49 -8.04
CA LYS B 261 -2.98 14.89 -8.10
C LYS B 261 -2.12 15.27 -6.92
N LYS B 262 -2.67 15.97 -5.93
CA LYS B 262 -1.86 16.57 -4.89
C LYS B 262 -1.92 15.84 -3.56
N GLY B 263 -2.96 15.06 -3.30
CA GLY B 263 -3.13 14.45 -2.00
C GLY B 263 -2.70 13.01 -1.84
N GLY B 264 -2.49 12.32 -2.96
CA GLY B 264 -2.13 10.91 -2.95
C GLY B 264 -0.66 10.70 -3.23
N ALA B 265 -0.37 9.57 -3.85
CA ALA B 265 1.01 9.24 -4.16
C ALA B 265 1.56 10.14 -5.26
N SER B 266 2.80 10.58 -5.08
CA SER B 266 3.38 11.54 -6.00
C SER B 266 4.85 11.71 -5.69
N ILE B 267 5.62 12.11 -6.70
CA ILE B 267 6.96 12.63 -6.44
C ILE B 267 7.07 14.12 -6.75
N SER B 268 5.93 14.81 -7.00
CA SER B 268 5.88 16.27 -7.14
CA SER B 268 5.93 16.27 -7.10
C SER B 268 5.10 16.95 -6.03
N TYR B 269 4.08 16.27 -5.48
CA TYR B 269 3.24 16.82 -4.44
C TYR B 269 3.37 16.01 -3.17
N LEU B 270 3.25 16.68 -2.04
CA LEU B 270 3.26 16.06 -0.72
C LEU B 270 2.17 16.72 0.11
N ASN B 271 1.09 15.98 0.41
CA ASN B 271 0.02 16.51 1.23
C ASN B 271 -0.44 17.91 0.78
N GLY B 272 -0.68 18.04 -0.54
CA GLY B 272 -1.26 19.24 -1.11
C GLY B 272 -0.26 20.26 -1.64
N ALA B 273 0.99 20.12 -1.29
CA ALA B 273 2.02 21.11 -1.58
C ALA B 273 3.00 20.57 -2.58
N LYS B 274 3.40 21.44 -3.51
CA LYS B 274 4.34 21.05 -4.57
C LYS B 274 5.77 21.20 -4.06
N ILE B 275 6.56 20.13 -4.15
CA ILE B 275 7.91 20.15 -3.56
C ILE B 275 9.03 20.56 -4.53
N ASN B 276 8.74 20.70 -5.82
CA ASN B 276 9.70 21.06 -6.85
C ASN B 276 9.20 22.30 -7.57
PG ATP C . 17.23 -11.51 -0.71
O1G ATP C . 18.70 -11.75 -0.79
O2G ATP C . 16.57 -11.89 -2.00
O3G ATP C . 16.51 -12.10 0.48
PB ATP C . 17.57 -8.73 -1.35
O1B ATP C . 18.93 -8.37 -0.84
O2B ATP C . 17.34 -9.00 -2.82
O3B ATP C . 17.03 -9.94 -0.62
PA ATP C . 16.78 -5.95 -0.89
O1A ATP C . 16.96 -5.53 -2.29
O2A ATP C . 17.90 -5.67 0.09
O3A ATP C . 16.62 -7.53 -0.91
O5' ATP C . 15.38 -5.45 -0.34
C5' ATP C . 15.22 -4.91 0.99
C4' ATP C . 14.41 -5.84 1.84
O4' ATP C . 13.22 -6.21 1.11
C3' ATP C . 15.12 -7.18 1.99
O3' ATP C . 15.97 -7.11 3.13
C2' ATP C . 13.95 -8.12 2.31
O2' ATP C . 13.54 -8.07 3.68
C1' ATP C . 12.80 -7.51 1.50
N9 ATP C . 12.57 -8.24 0.26
C8 ATP C . 13.32 -8.18 -0.90
N7 ATP C . 12.87 -8.96 -1.86
C5 ATP C . 11.77 -9.58 -1.31
C6 ATP C . 10.83 -10.49 -1.81
N6 ATP C . 10.85 -10.97 -3.06
N1 ATP C . 9.84 -10.90 -0.99
C2 ATP C . 9.78 -10.41 0.26
N3 ATP C . 10.60 -9.53 0.84
C4 ATP C . 11.56 -9.13 0.01
H5'1 ATP C . 14.77 -4.05 0.94
H5'2 ATP C . 16.09 -4.78 1.40
H4' ATP C . 14.17 -5.44 2.69
H3' ATP C . 15.57 -7.43 1.18
H2' ATP C . 14.20 -9.02 2.03
HO2' ATP C . 13.91 -7.38 4.04
H1' ATP C . 12.00 -7.44 2.05
H8 ATP C . 14.06 -7.63 -0.99
HN61 ATP C . 10.17 -11.38 -3.38
HN62 ATP C . 11.55 -10.86 -3.55
H2 ATP C . 9.08 -10.71 0.78
C10 T7Q D . 18.76 2.32 0.99
C11 T7Q D . 17.51 2.05 0.49
C12 T7Q D . 17.07 0.75 0.42
C13 T7Q D . 17.89 -0.27 0.83
C14 T7Q D . 19.16 -0.01 1.34
C15 T7Q D . 19.60 1.29 1.42
CB T7Q D . 17.26 -1.67 0.67
CA T7Q D . 17.53 -2.42 -0.66
C T7Q D . 16.72 -1.68 -1.70
C02 T7Q D . 16.59 3.14 0.03
C03 T7Q D . 17.07 4.57 0.11
C04 T7Q D . 16.27 5.63 -0.31
C05 T7Q D . 16.72 6.93 -0.23
C06 T7Q D . 17.98 7.22 0.25
C07 T7Q D . 18.80 6.16 0.68
C08 T7Q D . 18.34 4.86 0.59
N09 T7Q D . 19.24 3.73 1.05
N T7Q D . 18.96 -2.46 -0.94
O01 T7Q D . 15.40 2.87 -0.08
O T7Q D . 15.68 -2.20 -2.13
OXT T7Q D . 17.07 -0.51 -2.14
H121 T7Q D . 16.03 0.52 0.04
H141 T7Q D . 19.78 -0.81 1.68
H151 T7Q D . 20.58 1.51 1.82
HB3 T7Q D . 17.62 -2.28 1.46
HB2 T7Q D . 16.21 -1.56 0.78
HA T7Q D . 17.22 -3.52 -0.63
H041 T7Q D . 15.24 5.41 -0.71
H051 T7Q D . 16.09 7.75 -0.56
H061 T7Q D . 18.32 8.23 0.31
H071 T7Q D . 19.78 6.37 1.07
H091 T7Q D . 19.60 3.95 2.02
HN2 T7Q D . 19.08 -2.81 -1.81
HN3 T7Q D . 19.34 -1.55 -0.87
O1 PG4 E . 11.64 -2.51 -21.89
C1 PG4 E . 10.66 -3.39 -21.38
C2 PG4 E . 9.99 -4.17 -22.44
O2 PG4 E . 8.67 -3.70 -22.68
C3 PG4 E . 7.68 -4.57 -22.17
C4 PG4 E . 6.34 -4.12 -22.60
O3 PG4 E . 5.44 -4.18 -21.52
C5 PG4 E . 5.31 -5.48 -20.98
C6 PG4 E . 3.97 -5.67 -20.37
O4 PG4 E . 3.11 -6.43 -21.19
C7 PG4 E . 2.99 -7.78 -20.78
C8 PG4 E . 2.56 -8.67 -21.88
O5 PG4 E . 1.15 -8.66 -22.06
H11 PG4 E . 11.08 -4.01 -20.76
H12 PG4 E . 9.99 -2.87 -20.90
H21 PG4 E . 10.51 -4.10 -23.27
H22 PG4 E . 9.94 -5.10 -22.18
H31 PG4 E . 7.85 -5.46 -22.49
H32 PG4 E . 7.73 -4.55 -21.20
H41 PG4 E . 6.40 -3.20 -22.92
H42 PG4 E . 6.03 -4.70 -23.31
H51 PG4 E . 5.43 -6.14 -21.69
H52 PG4 E . 5.98 -5.62 -20.30
H61 PG4 E . 4.08 -6.13 -19.52
H62 PG4 E . 3.58 -4.79 -20.22
H71 PG4 E . 3.85 -8.09 -20.44
H72 PG4 E . 2.34 -7.83 -20.05
H81 PG4 E . 2.98 -8.38 -22.71
H82 PG4 E . 2.84 -9.58 -21.68
HO5 PG4 E . 0.69 -8.78 -21.31
MG MG F . 16.65 -10.70 -3.91
MG MG G . 19.45 -7.04 0.69
MG MG H . 20.32 -10.11 0.07
C1 GOL I . -0.70 -0.32 -2.39
O1 GOL I . -2.02 -0.82 -2.22
C2 GOL I . 0.41 -0.91 -1.53
O2 GOL I . 1.51 -0.07 -1.78
C3 GOL I . -0.08 -0.99 -0.12
O3 GOL I . 1.05 -1.11 0.82
H11 GOL I . -0.69 0.64 -2.24
H12 GOL I . -0.41 -0.44 -3.31
HO1 GOL I . -1.98 -1.64 -2.46
H2 GOL I . 0.66 -1.84 -1.71
HO2 GOL I . 1.60 0.42 -1.11
H31 GOL I . -0.69 -1.74 -0.06
H32 GOL I . -0.63 -0.20 0.05
HO3 GOL I . 1.63 -1.62 0.44
PG ATP J . -15.61 7.64 -13.18
O1G ATP J . -15.49 8.80 -12.23
O2G ATP J . -16.90 7.67 -14.01
O3G ATP J . -14.41 7.48 -14.13
PB ATP J . -16.00 4.74 -12.64
O1B ATP J . -17.42 4.52 -13.01
O2B ATP J . -14.99 4.23 -13.67
O3B ATP J . -15.67 6.26 -12.38
PA ATP J . -16.10 2.75 -10.46
O1A ATP J . -15.19 1.63 -10.77
O2A ATP J . -17.55 2.47 -10.87
O3A ATP J . -15.65 4.07 -11.25
O5' ATP J . -16.18 3.24 -8.95
C5' ATP J . -15.07 3.09 -8.04
C4' ATP J . -14.70 4.43 -7.47
O4' ATP J . -13.27 4.54 -7.62
C3' ATP J . -15.21 5.55 -8.36
O3' ATP J . -16.42 6.02 -7.76
C2' ATP J . -14.19 6.66 -8.09
O2' ATP J . -14.50 7.23 -6.82
C1' ATP J . -12.90 5.87 -7.91
N9 ATP J . -12.15 5.82 -9.16
C8 ATP J . -12.39 5.03 -10.25
N7 ATP J . -11.55 5.21 -11.24
C5 ATP J . -10.68 6.17 -10.74
C6 ATP J . -9.53 6.79 -11.30
N6 ATP J . -9.05 6.52 -12.51
N1 ATP J . -8.90 7.72 -10.54
C2 ATP J . -9.37 7.98 -9.33
N3 ATP J . -10.43 7.47 -8.70
C4 ATP J . -11.04 6.56 -9.47
H5'1 ATP J . -14.31 2.72 -8.53
H5'2 ATP J . -15.32 2.49 -7.32
H4' ATP J . -14.97 4.54 -6.55
H3' ATP J . -15.27 5.28 -9.29
HO3' ATP J . -16.20 6.45 -7.06
H2' ATP J . -14.15 7.29 -8.84
HO2' ATP J . -13.99 7.91 -6.71
H1' ATP J . -12.38 6.22 -7.17
H8 ATP J . -13.09 4.41 -10.29
HN61 ATP J . -9.39 5.88 -12.99
HN62 ATP J . -8.40 6.98 -12.83
H2 ATP J . -8.89 8.62 -8.85
MG MG K . -18.53 4.30 -11.04
MG MG L . -13.92 5.31 -15.08
#